data_6ZF2
#
_entry.id   6ZF2
#
_cell.length_a   104.044
_cell.length_b   104.044
_cell.length_c   53.770
_cell.angle_alpha   90.000
_cell.angle_beta   90.000
_cell.angle_gamma   120.000
#
_symmetry.space_group_name_H-M   'P 61'
#
loop_
_entity.id
_entity.type
_entity.pdbx_description
1 polymer 'Kelch-like ECH-associated protein 1'
2 non-polymer 'DIMETHYL SULFOXIDE'
3 non-polymer 'SULFATE ION'
4 non-polymer '5-cyclopropyl-1-[3-[(4-propylphenyl)sulfonylamino]phenyl]pyrazole-4-carboxylic acid'
5 water water
#
_entity_poly.entity_id   1
_entity_poly.type   'polypeptide(L)'
_entity_poly.pdbx_seq_one_letter_code
;GPKVGRLIYTAGGYFRQSLSYLEAYNPSNGSWLRLADLQVPRSGLAGCVVGGLLYAVGGRNNSPDGNTDSSALDCYNPMT
NQWSPCASMSVPRNRIGVGVIDGHIYAVGGSHGCIHHSSVERYEPERDEWHLVAPMLTRRIGVGVAVLNRLLYAVGGFDG
TNRLNSAECYYPERNEWRMITPMNTIRSGAGVCVLHNCIYAAGGYDGQDQLNSVERYDVETETWTFVAPMRHHRSALGIT
VHQGKIYVLGGYDGHTFLDSVECYDPDSDTWSEVTRMTSGRSGVGVAVTMEPCRKQIDQQNCTC
;
_entity_poly.pdbx_strand_id   A
#
loop_
_chem_comp.id
_chem_comp.type
_chem_comp.name
_chem_comp.formula
DMS non-polymer 'DIMETHYL SULFOXIDE' 'C2 H6 O S'
QJ5 non-polymer '5-cyclopropyl-1-[3-[(4-propylphenyl)sulfonylamino]phenyl]pyrazole-4-carboxylic acid' 'C22 H23 N3 O4 S'
SO4 non-polymer 'SULFATE ION' 'O4 S -2'
#
# COMPACT_ATOMS: atom_id res chain seq x y z
N GLY A 5 -12.81 11.77 -3.07
CA GLY A 5 -13.91 10.83 -3.15
C GLY A 5 -14.78 10.85 -1.91
N ARG A 6 -15.29 9.69 -1.51
CA ARG A 6 -16.15 9.60 -0.33
C ARG A 6 -15.96 8.35 0.51
N LEU A 7 -15.57 7.21 -0.06
CA LEU A 7 -15.42 5.99 0.71
C LEU A 7 -13.99 5.46 0.66
N ILE A 8 -13.64 4.74 1.72
CA ILE A 8 -12.36 4.05 1.85
C ILE A 8 -12.59 2.59 1.48
N TYR A 9 -12.05 2.15 0.34
CA TYR A 9 -12.16 0.77 -0.10
C TYR A 9 -10.95 -0.04 0.37
N THR A 10 -11.23 -1.19 0.97
CA THR A 10 -10.23 -2.21 1.31
C THR A 10 -10.52 -3.46 0.48
N ALA A 11 -9.50 -3.94 -0.21
CA ALA A 11 -9.62 -5.08 -1.12
C ALA A 11 -8.62 -6.15 -0.72
N GLY A 12 -9.09 -7.41 -0.72
CA GLY A 12 -8.21 -8.53 -0.46
C GLY A 12 -7.80 -8.62 0.99
N GLY A 13 -6.62 -9.20 1.21
CA GLY A 13 -6.06 -9.37 2.53
C GLY A 13 -5.77 -10.83 2.82
N TYR A 14 -5.44 -11.10 4.08
CA TYR A 14 -5.05 -12.44 4.50
C TYR A 14 -5.52 -12.70 5.91
N PHE A 15 -6.25 -13.81 6.09
CA PHE A 15 -6.52 -14.35 7.42
C PHE A 15 -6.65 -15.87 7.25
N ARG A 16 -5.61 -16.59 7.64
CA ARG A 16 -5.53 -18.04 7.44
C ARG A 16 -5.26 -18.36 5.97
N GLN A 17 -5.89 -17.62 5.06
CA GLN A 17 -5.63 -17.74 3.63
C GLN A 17 -5.82 -16.36 3.00
N SER A 18 -5.54 -16.27 1.71
CA SER A 18 -5.80 -15.03 0.98
C SER A 18 -7.29 -14.84 0.79
N LEU A 19 -7.71 -13.56 0.70
CA LEU A 19 -9.11 -13.20 0.75
C LEU A 19 -9.52 -12.45 -0.50
N SER A 20 -10.83 -12.46 -0.76
CA SER A 20 -11.40 -11.77 -1.92
CA SER A 20 -11.41 -11.79 -1.92
C SER A 20 -12.33 -10.64 -1.52
N TYR A 21 -12.38 -10.28 -0.24
CA TYR A 21 -13.30 -9.26 0.23
C TYR A 21 -12.99 -7.91 -0.42
N LEU A 22 -14.04 -7.23 -0.86
CA LEU A 22 -13.99 -5.81 -1.19
C LEU A 22 -15.02 -5.11 -0.30
N GLU A 23 -14.55 -4.32 0.65
CA GLU A 23 -15.44 -3.65 1.60
C GLU A 23 -15.12 -2.16 1.63
N ALA A 24 -16.17 -1.35 1.71
CA ALA A 24 -16.05 0.11 1.66
C ALA A 24 -16.56 0.70 2.96
N TYR A 25 -15.77 1.60 3.55
CA TYR A 25 -16.11 2.27 4.79
C TYR A 25 -16.43 3.74 4.51
N ASN A 26 -17.48 4.24 5.16
CA ASN A 26 -17.91 5.62 5.03
C ASN A 26 -17.57 6.37 6.30
N PRO A 27 -16.55 7.23 6.31
CA PRO A 27 -16.23 7.97 7.55
C PRO A 27 -17.33 8.90 8.02
N SER A 28 -18.27 9.27 7.14
CA SER A 28 -19.28 10.24 7.51
C SER A 28 -20.36 9.67 8.41
N ASN A 29 -20.65 8.37 8.31
CA ASN A 29 -21.69 7.75 9.12
C ASN A 29 -21.27 6.45 9.79
N GLY A 30 -20.06 5.95 9.51
CA GLY A 30 -19.55 4.78 10.20
C GLY A 30 -19.94 3.45 9.60
N SER A 31 -20.60 3.43 8.45
CA SER A 31 -21.16 2.21 7.90
C SER A 31 -20.17 1.49 7.00
N TRP A 32 -20.15 0.17 7.10
CA TRP A 32 -19.39 -0.68 6.20
C TRP A 32 -20.30 -1.27 5.13
N LEU A 33 -19.72 -1.56 3.98
CA LEU A 33 -20.42 -2.11 2.83
C LEU A 33 -19.61 -3.28 2.30
N ARG A 34 -20.24 -4.42 2.08
CA ARG A 34 -19.57 -5.50 1.35
C ARG A 34 -19.95 -5.41 -0.12
N LEU A 35 -18.94 -5.41 -0.98
CA LEU A 35 -19.12 -5.23 -2.41
C LEU A 35 -18.63 -6.49 -3.14
N ALA A 36 -18.66 -6.41 -4.48
CA ALA A 36 -18.31 -7.55 -5.31
C ALA A 36 -16.91 -8.06 -4.97
N ASP A 37 -16.80 -9.37 -4.77
CA ASP A 37 -15.53 -9.98 -4.44
C ASP A 37 -14.52 -9.79 -5.57
N LEU A 38 -13.24 -9.91 -5.21
CA LEU A 38 -12.20 -10.05 -6.22
C LEU A 38 -12.39 -11.35 -6.97
N GLN A 39 -12.06 -11.33 -8.27
CA GLN A 39 -12.15 -12.57 -9.05
C GLN A 39 -11.18 -13.61 -8.53
N VAL A 40 -10.02 -13.19 -8.04
CA VAL A 40 -9.00 -14.10 -7.51
C VAL A 40 -8.60 -13.62 -6.13
N PRO A 41 -8.62 -14.48 -5.10
CA PRO A 41 -8.16 -14.03 -3.78
C PRO A 41 -6.69 -13.66 -3.82
N ARG A 42 -6.33 -12.62 -3.06
CA ARG A 42 -4.96 -12.14 -3.10
C ARG A 42 -4.65 -11.32 -1.86
N SER A 43 -3.52 -11.61 -1.24
CA SER A 43 -2.94 -10.78 -0.19
C SER A 43 -1.64 -10.17 -0.70
N GLY A 44 -1.14 -9.20 0.06
CA GLY A 44 0.06 -8.51 -0.36
C GLY A 44 -0.10 -7.63 -1.58
N LEU A 45 -1.34 -7.33 -1.97
CA LEU A 45 -1.59 -6.49 -3.13
C LEU A 45 -1.51 -5.02 -2.74
N ALA A 46 -1.66 -4.15 -3.73
CA ALA A 46 -1.78 -2.72 -3.48
C ALA A 46 -3.01 -2.19 -4.22
N GLY A 47 -3.60 -1.14 -3.67
CA GLY A 47 -4.75 -0.50 -4.28
C GLY A 47 -4.42 0.94 -4.65
N CYS A 48 -5.11 1.42 -5.68
CA CYS A 48 -5.00 2.83 -6.03
C CYS A 48 -6.25 3.23 -6.82
N VAL A 49 -6.34 4.50 -7.18
CA VAL A 49 -7.51 5.03 -7.87
C VAL A 49 -7.06 5.92 -9.01
N VAL A 50 -7.63 5.71 -10.19
CA VAL A 50 -7.39 6.58 -11.34
C VAL A 50 -8.72 6.84 -12.02
N GLY A 51 -9.03 8.11 -12.26
CA GLY A 51 -10.28 8.46 -12.91
C GLY A 51 -11.50 7.92 -12.20
N GLY A 52 -11.46 7.84 -10.87
CA GLY A 52 -12.55 7.31 -10.09
C GLY A 52 -12.65 5.81 -10.06
N LEU A 53 -11.87 5.10 -10.87
CA LEU A 53 -11.88 3.64 -10.88
C LEU A 53 -10.84 3.11 -9.90
N LEU A 54 -11.22 2.09 -9.14
CA LEU A 54 -10.32 1.47 -8.18
C LEU A 54 -9.51 0.40 -8.91
N TYR A 55 -8.25 0.24 -8.50
CA TYR A 55 -7.34 -0.69 -9.15
C TYR A 55 -6.65 -1.54 -8.08
N ALA A 56 -6.67 -2.85 -8.28
CA ALA A 56 -5.95 -3.81 -7.46
C ALA A 56 -4.77 -4.35 -8.26
N VAL A 57 -3.59 -4.35 -7.64
CA VAL A 57 -2.33 -4.59 -8.33
C VAL A 57 -1.52 -5.63 -7.57
N GLY A 58 -1.06 -6.66 -8.27
CA GLY A 58 -0.14 -7.62 -7.72
C GLY A 58 -0.75 -8.44 -6.60
N GLY A 59 0.14 -8.95 -5.75
CA GLY A 59 -0.24 -9.74 -4.60
C GLY A 59 0.13 -11.20 -4.75
N ARG A 60 -0.59 -12.04 -4.00
CA ARG A 60 -0.32 -13.47 -3.99
C ARG A 60 -1.56 -14.18 -3.45
N ASN A 61 -1.99 -15.23 -4.14
CA ASN A 61 -3.04 -16.11 -3.66
C ASN A 61 -2.39 -17.23 -2.89
N ASN A 62 -2.44 -17.13 -1.56
CA ASN A 62 -2.09 -18.24 -0.67
C ASN A 62 -3.36 -19.04 -0.42
N SER A 63 -3.42 -20.26 -0.93
CA SER A 63 -4.62 -21.06 -0.86
C SER A 63 -4.23 -22.51 -0.63
N PRO A 64 -5.15 -23.33 -0.14
CA PRO A 64 -4.85 -24.77 0.00
C PRO A 64 -4.44 -25.42 -1.31
N ASP A 65 -4.97 -24.92 -2.44
CA ASP A 65 -4.62 -25.46 -3.75
C ASP A 65 -3.24 -25.01 -4.22
N GLY A 66 -2.53 -24.21 -3.44
CA GLY A 66 -1.19 -23.80 -3.79
C GLY A 66 -1.00 -22.31 -3.53
N ASN A 67 0.16 -21.82 -3.92
CA ASN A 67 0.53 -20.43 -3.70
C ASN A 67 0.99 -19.84 -5.02
N THR A 68 0.30 -18.79 -5.47
CA THR A 68 0.55 -18.20 -6.78
C THR A 68 0.70 -16.71 -6.65
N ASP A 69 1.90 -16.19 -6.97
CA ASP A 69 2.10 -14.75 -7.05
C ASP A 69 1.33 -14.19 -8.23
N SER A 70 0.89 -12.94 -8.09
CA SER A 70 0.02 -12.31 -9.08
C SER A 70 0.77 -11.21 -9.83
N SER A 71 0.65 -11.25 -11.16
CA SER A 71 1.01 -10.12 -12.01
C SER A 71 -0.22 -9.34 -12.45
N ALA A 72 -1.36 -9.57 -11.80
CA ALA A 72 -2.64 -9.13 -12.32
C ALA A 72 -2.92 -7.67 -11.99
N LEU A 73 -3.68 -7.03 -12.87
CA LEU A 73 -4.21 -5.69 -12.65
C LEU A 73 -5.71 -5.77 -12.88
N ASP A 74 -6.49 -5.42 -11.87
CA ASP A 74 -7.95 -5.52 -11.99
C ASP A 74 -8.59 -4.19 -11.61
N CYS A 75 -9.65 -3.84 -12.33
CA CYS A 75 -10.28 -2.53 -12.24
C CYS A 75 -11.71 -2.69 -11.75
N TYR A 76 -12.04 -2.03 -10.65
CA TYR A 76 -13.39 -2.04 -10.09
C TYR A 76 -14.06 -0.71 -10.40
N ASN A 77 -15.27 -0.78 -10.96
CA ASN A 77 -16.04 0.43 -11.23
C ASN A 77 -17.12 0.58 -10.17
N PRO A 78 -17.07 1.60 -9.31
CA PRO A 78 -18.14 1.77 -8.33
C PRO A 78 -19.51 1.91 -8.95
N MET A 79 -19.61 2.45 -10.17
CA MET A 79 -20.91 2.67 -10.79
C MET A 79 -21.60 1.35 -11.10
N THR A 80 -20.84 0.32 -11.50
CA THR A 80 -21.41 -0.96 -11.88
C THR A 80 -21.21 -2.04 -10.82
N ASN A 81 -20.36 -1.81 -9.83
CA ASN A 81 -20.02 -2.84 -8.85
C ASN A 81 -19.48 -4.08 -9.53
N GLN A 82 -18.61 -3.88 -10.52
CA GLN A 82 -18.02 -4.98 -11.27
C GLN A 82 -16.52 -4.81 -11.40
N TRP A 83 -15.83 -5.95 -11.38
CA TRP A 83 -14.41 -6.04 -11.65
C TRP A 83 -14.19 -6.44 -13.10
N SER A 84 -13.28 -5.73 -13.78
CA SER A 84 -12.82 -6.07 -15.11
C SER A 84 -11.33 -6.36 -15.08
N PRO A 85 -10.86 -7.39 -15.76
CA PRO A 85 -9.41 -7.59 -15.87
C PRO A 85 -8.77 -6.54 -16.75
N CYS A 86 -7.52 -6.22 -16.44
CA CYS A 86 -6.68 -5.35 -17.24
C CYS A 86 -5.41 -6.12 -17.60
N ALA A 87 -4.59 -5.51 -18.44
CA ALA A 87 -3.35 -6.14 -18.85
C ALA A 87 -2.49 -6.46 -17.62
N SER A 88 -1.85 -7.61 -17.64
CA SER A 88 -1.00 -8.03 -16.53
C SER A 88 0.37 -7.38 -16.65
N MET A 89 1.01 -7.18 -15.49
CA MET A 89 2.35 -6.65 -15.45
C MET A 89 3.33 -7.63 -16.11
N SER A 90 4.58 -7.18 -16.25
CA SER A 90 5.60 -8.01 -16.86
C SER A 90 6.01 -9.17 -15.95
N VAL A 91 5.74 -9.09 -14.65
N VAL A 91 5.77 -9.07 -14.65
CA VAL A 91 6.22 -10.08 -13.69
CA VAL A 91 6.19 -10.10 -13.70
C VAL A 91 5.30 -10.11 -12.48
C VAL A 91 5.21 -10.14 -12.55
N PRO A 92 5.13 -11.25 -11.81
CA PRO A 92 4.34 -11.26 -10.57
C PRO A 92 5.01 -10.39 -9.51
N ARG A 93 4.19 -9.69 -8.74
CA ARG A 93 4.68 -8.80 -7.69
C ARG A 93 3.84 -8.98 -6.44
N ASN A 94 4.30 -9.84 -5.53
CA ASN A 94 3.70 -9.99 -4.22
C ASN A 94 4.35 -9.02 -3.25
N ARG A 95 3.53 -8.45 -2.36
CA ARG A 95 4.02 -7.46 -1.39
C ARG A 95 4.57 -6.24 -2.13
N ILE A 96 3.68 -5.64 -2.90
CA ILE A 96 4.00 -4.64 -3.90
C ILE A 96 3.73 -3.26 -3.34
N GLY A 97 4.34 -2.25 -3.95
CA GLY A 97 3.96 -0.87 -3.72
C GLY A 97 3.48 -0.25 -5.02
N VAL A 98 2.57 0.71 -4.92
CA VAL A 98 2.07 1.40 -6.11
C VAL A 98 1.90 2.88 -5.83
N GLY A 99 2.08 3.67 -6.88
CA GLY A 99 1.86 5.10 -6.79
C GLY A 99 1.36 5.65 -8.11
N VAL A 100 0.50 6.65 -8.05
CA VAL A 100 -0.13 7.22 -9.24
C VAL A 100 0.50 8.58 -9.54
N ILE A 101 0.93 8.76 -10.78
CA ILE A 101 1.45 10.04 -11.26
C ILE A 101 0.83 10.32 -12.62
N ASP A 102 0.14 11.46 -12.73
CA ASP A 102 -0.43 11.91 -14.00
C ASP A 102 -1.24 10.81 -14.66
N GLY A 103 -2.15 10.21 -13.88
CA GLY A 103 -3.03 9.18 -14.40
C GLY A 103 -2.37 7.88 -14.75
N HIS A 104 -1.10 7.69 -14.40
CA HIS A 104 -0.37 6.47 -14.68
C HIS A 104 -0.05 5.75 -13.38
N ILE A 105 -0.07 4.43 -13.42
CA ILE A 105 0.12 3.60 -12.23
C ILE A 105 1.52 3.03 -12.25
N TYR A 106 2.31 3.33 -11.21
CA TYR A 106 3.65 2.77 -11.05
C TYR A 106 3.58 1.60 -10.08
N ALA A 107 3.99 0.43 -10.55
CA ALA A 107 4.16 -0.76 -9.74
C ALA A 107 5.63 -0.92 -9.38
N VAL A 108 5.89 -1.06 -8.07
CA VAL A 108 7.23 -0.99 -7.49
C VAL A 108 7.48 -2.26 -6.70
N GLY A 109 8.60 -2.92 -7.00
CA GLY A 109 9.13 -3.97 -6.16
C GLY A 109 8.24 -5.20 -6.11
N GLY A 110 8.26 -5.85 -4.96
CA GLY A 110 7.54 -7.09 -4.77
C GLY A 110 8.41 -8.31 -5.03
N SER A 111 7.85 -9.48 -4.74
CA SER A 111 8.56 -10.73 -4.87
C SER A 111 7.85 -11.66 -5.86
N HIS A 112 8.63 -12.52 -6.49
CA HIS A 112 8.13 -13.61 -7.32
C HIS A 112 8.88 -14.85 -6.85
N GLY A 113 8.27 -15.62 -5.96
CA GLY A 113 9.01 -16.66 -5.28
C GLY A 113 10.14 -16.03 -4.50
N CYS A 114 11.34 -16.61 -4.63
CA CYS A 114 12.51 -16.06 -3.96
C CYS A 114 13.16 -14.93 -4.75
N ILE A 115 12.51 -14.43 -5.80
CA ILE A 115 13.00 -13.28 -6.53
C ILE A 115 12.47 -12.02 -5.85
N HIS A 116 13.38 -11.13 -5.47
CA HIS A 116 13.03 -9.84 -4.86
C HIS A 116 13.30 -8.76 -5.89
N HIS A 117 12.23 -8.14 -6.39
CA HIS A 117 12.35 -7.23 -7.51
C HIS A 117 12.90 -5.87 -7.10
N SER A 118 13.78 -5.34 -7.93
CA SER A 118 14.05 -3.91 -7.97
C SER A 118 13.37 -3.23 -9.15
N SER A 119 12.78 -4.01 -10.05
CA SER A 119 12.20 -3.47 -11.26
C SER A 119 10.95 -2.66 -10.94
N VAL A 120 10.63 -1.75 -11.85
CA VAL A 120 9.49 -0.85 -11.72
C VAL A 120 8.83 -0.77 -13.08
N GLU A 121 7.50 -0.68 -13.11
CA GLU A 121 6.83 -0.53 -14.39
C GLU A 121 5.62 0.38 -14.26
N ARG A 122 5.17 0.90 -15.39
CA ARG A 122 4.16 1.95 -15.45
C ARG A 122 3.03 1.51 -16.36
N TYR A 123 1.80 1.71 -15.88
CA TYR A 123 0.59 1.34 -16.60
C TYR A 123 -0.12 2.60 -17.07
N GLU A 124 -0.51 2.60 -18.35
CA GLU A 124 -1.26 3.71 -18.92
C GLU A 124 -2.69 3.26 -19.19
N PRO A 125 -3.67 3.66 -18.36
CA PRO A 125 -5.04 3.14 -18.56
C PRO A 125 -5.60 3.45 -19.93
N GLU A 126 -5.29 4.61 -20.52
CA GLU A 126 -5.85 4.96 -21.82
C GLU A 126 -5.35 4.05 -22.93
N ARG A 127 -4.33 3.23 -22.67
CA ARG A 127 -3.84 2.28 -23.66
C ARG A 127 -3.79 0.85 -23.15
N ASP A 128 -4.12 0.61 -21.88
CA ASP A 128 -4.13 -0.73 -21.30
C ASP A 128 -2.80 -1.43 -21.54
N GLU A 129 -1.70 -0.70 -21.29
CA GLU A 129 -0.36 -1.22 -21.52
C GLU A 129 0.56 -0.89 -20.36
N TRP A 130 1.41 -1.85 -20.01
CA TRP A 130 2.50 -1.68 -19.06
C TRP A 130 3.80 -1.50 -19.81
N HIS A 131 4.72 -0.75 -19.19
CA HIS A 131 6.05 -0.55 -19.75
C HIS A 131 7.04 -0.43 -18.60
N LEU A 132 8.15 -1.17 -18.69
CA LEU A 132 9.17 -1.10 -17.66
C LEU A 132 9.87 0.25 -17.71
N VAL A 133 10.21 0.78 -16.53
CA VAL A 133 10.99 1.99 -16.42
C VAL A 133 12.30 1.65 -15.72
N ALA A 134 13.05 2.66 -15.32
CA ALA A 134 14.33 2.41 -14.67
C ALA A 134 14.10 1.68 -13.35
N PRO A 135 14.90 0.67 -13.03
CA PRO A 135 14.73 -0.03 -11.76
C PRO A 135 15.28 0.76 -10.59
N MET A 136 14.70 0.50 -9.42
CA MET A 136 15.21 1.10 -8.20
C MET A 136 16.68 0.74 -8.01
N LEU A 137 17.32 1.42 -7.07
CA LEU A 137 18.68 1.10 -6.68
C LEU A 137 18.75 -0.05 -5.69
N THR A 138 17.61 -0.51 -5.20
CA THR A 138 17.53 -1.51 -4.15
C THR A 138 16.38 -2.45 -4.46
N ARG A 139 16.58 -3.74 -4.22
CA ARG A 139 15.48 -4.69 -4.22
C ARG A 139 14.63 -4.46 -2.98
N ARG A 140 13.33 -4.28 -3.17
CA ARG A 140 12.43 -3.98 -2.06
C ARG A 140 11.13 -4.75 -2.24
N ILE A 141 10.80 -5.57 -1.23
CA ILE A 141 9.47 -6.14 -1.10
C ILE A 141 8.87 -5.62 0.20
N GLY A 142 7.55 -5.67 0.29
CA GLY A 142 6.89 -4.99 1.39
C GLY A 142 7.22 -3.51 1.40
N VAL A 143 7.37 -2.91 0.23
CA VAL A 143 7.86 -1.56 0.08
C VAL A 143 6.70 -0.58 0.21
N GLY A 144 6.93 0.51 0.93
CA GLY A 144 5.98 1.61 0.95
C GLY A 144 6.21 2.52 -0.24
N VAL A 145 5.12 3.01 -0.81
CA VAL A 145 5.22 3.86 -1.99
C VAL A 145 4.26 5.03 -1.83
N ALA A 146 4.74 6.21 -2.20
CA ALA A 146 3.87 7.38 -2.19
C ALA A 146 4.31 8.35 -3.27
N VAL A 147 3.44 9.29 -3.59
CA VAL A 147 3.68 10.28 -4.62
C VAL A 147 3.50 11.66 -4.00
N LEU A 148 4.50 12.51 -4.16
CA LEU A 148 4.39 13.91 -3.72
C LEU A 148 5.04 14.80 -4.75
N ASN A 149 4.31 15.84 -5.15
CA ASN A 149 4.82 16.80 -6.14
C ASN A 149 5.27 16.06 -7.40
N ARG A 150 4.52 15.01 -7.75
CA ARG A 150 4.78 14.24 -8.97
C ARG A 150 6.16 13.59 -8.95
N LEU A 151 6.67 13.30 -7.75
CA LEU A 151 7.86 12.48 -7.58
C LEU A 151 7.44 11.23 -6.82
N LEU A 152 8.05 10.09 -7.17
CA LEU A 152 7.64 8.80 -6.62
C LEU A 152 8.65 8.33 -5.59
N TYR A 153 8.19 7.97 -4.40
CA TYR A 153 9.08 7.57 -3.32
C TYR A 153 8.82 6.12 -2.97
N ALA A 154 9.90 5.33 -2.91
CA ALA A 154 9.90 3.97 -2.38
C ALA A 154 10.64 3.97 -1.05
N VAL A 155 10.02 3.39 -0.03
CA VAL A 155 10.46 3.52 1.36
C VAL A 155 10.51 2.13 1.98
N GLY A 156 11.67 1.77 2.51
CA GLY A 156 11.81 0.56 3.29
C GLY A 156 11.62 -0.70 2.47
N GLY A 157 11.27 -1.77 3.18
CA GLY A 157 11.04 -3.07 2.59
C GLY A 157 12.13 -4.07 2.93
N PHE A 158 12.17 -5.14 2.15
CA PHE A 158 13.09 -6.25 2.36
C PHE A 158 13.75 -6.59 1.03
N ASP A 159 15.08 -6.60 1.01
CA ASP A 159 15.84 -6.78 -0.22
C ASP A 159 16.32 -8.21 -0.41
N GLY A 160 15.70 -9.17 0.27
CA GLY A 160 16.08 -10.56 0.16
C GLY A 160 17.01 -11.04 1.25
N THR A 161 17.61 -10.13 2.02
CA THR A 161 18.54 -10.52 3.08
C THR A 161 18.34 -9.66 4.32
N ASN A 162 18.10 -8.37 4.13
CA ASN A 162 17.95 -7.44 5.24
C ASN A 162 16.68 -6.61 5.07
N ARG A 163 16.00 -6.34 6.17
CA ARG A 163 15.00 -5.29 6.20
C ARG A 163 15.69 -3.93 6.18
N LEU A 164 14.99 -2.93 5.63
CA LEU A 164 15.62 -1.69 5.20
C LEU A 164 15.04 -0.49 5.92
N ASN A 165 15.93 0.44 6.27
CA ASN A 165 15.54 1.79 6.66
C ASN A 165 15.75 2.80 5.53
N SER A 166 16.30 2.35 4.40
CA SER A 166 16.62 3.21 3.29
C SER A 166 15.37 3.60 2.51
N ALA A 167 15.50 4.67 1.74
CA ALA A 167 14.42 5.18 0.91
C ALA A 167 15.03 5.83 -0.31
N GLU A 168 14.26 5.88 -1.41
CA GLU A 168 14.73 6.46 -2.65
C GLU A 168 13.57 7.10 -3.39
N CYS A 169 13.92 8.02 -4.29
CA CYS A 169 12.97 8.82 -5.05
C CYS A 169 13.24 8.63 -6.54
N TYR A 170 12.15 8.53 -7.30
CA TYR A 170 12.19 8.39 -8.74
C TYR A 170 11.69 9.67 -9.37
N TYR A 171 12.54 10.23 -10.25
CA TYR A 171 12.30 11.43 -11.01
C TYR A 171 11.97 11.02 -12.44
N PRO A 172 10.71 11.17 -12.87
CA PRO A 172 10.31 10.60 -14.17
C PRO A 172 10.95 11.26 -15.36
N GLU A 173 11.03 12.58 -15.41
CA GLU A 173 11.58 13.24 -16.58
C GLU A 173 13.04 12.86 -16.83
N ARG A 174 13.76 12.44 -15.78
CA ARG A 174 15.10 11.90 -15.93
C ARG A 174 15.12 10.38 -15.97
N ASN A 175 13.98 9.73 -15.74
CA ASN A 175 13.91 8.28 -15.60
C ASN A 175 15.01 7.79 -14.66
N GLU A 176 15.06 8.38 -13.46
CA GLU A 176 16.21 8.12 -12.60
C GLU A 176 15.78 7.94 -11.14
N TRP A 177 16.49 7.04 -10.45
CA TRP A 177 16.31 6.82 -9.01
C TRP A 177 17.51 7.38 -8.26
N ARG A 178 17.23 8.08 -7.16
CA ARG A 178 18.27 8.61 -6.28
C ARG A 178 17.88 8.33 -4.83
N MET A 179 18.84 7.91 -4.02
N MET A 179 18.84 7.92 -4.01
CA MET A 179 18.58 7.71 -2.60
CA MET A 179 18.58 7.70 -2.61
C MET A 179 18.20 9.03 -1.94
C MET A 179 18.25 9.01 -1.89
N ILE A 180 17.37 8.94 -0.90
CA ILE A 180 17.04 10.08 -0.06
C ILE A 180 17.52 9.79 1.35
N THR A 181 17.19 10.66 2.30
CA THR A 181 17.60 10.43 3.67
C THR A 181 16.94 9.16 4.20
N PRO A 182 17.70 8.25 4.81
CA PRO A 182 17.07 7.04 5.36
C PRO A 182 16.22 7.36 6.59
N MET A 183 15.27 6.48 6.84
CA MET A 183 14.45 6.61 8.04
C MET A 183 15.29 6.35 9.28
N ASN A 184 14.78 6.81 10.42
CA ASN A 184 15.39 6.49 11.70
C ASN A 184 15.04 5.09 12.17
N THR A 185 14.19 4.37 11.45
CA THR A 185 13.76 3.03 11.83
C THR A 185 13.76 2.13 10.60
N ILE A 186 14.15 0.87 10.82
CA ILE A 186 14.01 -0.15 9.80
C ILE A 186 12.56 -0.59 9.74
N ARG A 187 11.96 -0.54 8.55
CA ARG A 187 10.56 -0.90 8.38
C ARG A 187 10.35 -1.65 7.08
N SER A 188 9.80 -2.87 7.19
N SER A 188 9.79 -2.86 7.18
CA SER A 188 9.33 -3.63 6.04
CA SER A 188 9.33 -3.63 6.04
C SER A 188 7.85 -3.92 6.24
C SER A 188 7.85 -3.94 6.24
N GLY A 189 7.09 -3.85 5.16
CA GLY A 189 5.65 -4.05 5.25
C GLY A 189 4.94 -2.95 6.00
N ALA A 190 5.48 -1.73 5.95
CA ALA A 190 4.87 -0.59 6.61
C ALA A 190 3.81 0.04 5.71
N GLY A 191 3.02 0.93 6.31
CA GLY A 191 2.10 1.75 5.56
C GLY A 191 2.74 3.08 5.23
N VAL A 192 2.71 3.44 3.95
CA VAL A 192 3.32 4.68 3.50
C VAL A 192 2.29 5.46 2.70
N CYS A 193 2.19 6.76 3.01
CA CYS A 193 1.27 7.64 2.32
C CYS A 193 1.82 9.05 2.37
N VAL A 194 1.06 10.00 1.84
CA VAL A 194 1.47 11.40 1.79
C VAL A 194 0.41 12.25 2.46
N LEU A 195 0.84 13.24 3.24
CA LEU A 195 -0.08 14.21 3.81
C LEU A 195 0.61 15.56 3.83
N HIS A 196 -0.06 16.56 3.27
CA HIS A 196 0.53 17.88 3.11
C HIS A 196 1.85 17.75 2.35
N ASN A 197 2.97 18.16 2.94
CA ASN A 197 4.25 18.09 2.28
C ASN A 197 5.15 16.98 2.84
N CYS A 198 4.56 15.94 3.44
CA CYS A 198 5.36 14.94 4.12
C CYS A 198 4.97 13.52 3.70
N ILE A 199 5.99 12.66 3.65
CA ILE A 199 5.82 11.23 3.41
C ILE A 199 5.73 10.54 4.77
N TYR A 200 4.57 9.97 5.09
CA TYR A 200 4.39 9.24 6.34
C TYR A 200 4.72 7.77 6.14
N ALA A 201 5.54 7.23 7.04
CA ALA A 201 5.78 5.80 7.18
C ALA A 201 5.34 5.37 8.57
N ALA A 202 4.40 4.42 8.62
CA ALA A 202 3.76 3.98 9.85
C ALA A 202 3.91 2.48 10.00
N GLY A 203 4.25 2.04 11.21
CA GLY A 203 4.32 0.64 11.52
C GLY A 203 5.39 -0.08 10.73
N GLY A 204 5.11 -1.33 10.40
CA GLY A 204 6.06 -2.19 9.72
C GLY A 204 6.66 -3.21 10.66
N TYR A 205 7.73 -3.84 10.16
CA TYR A 205 8.48 -4.84 10.93
C TYR A 205 9.96 -4.53 10.79
N ASP A 206 10.65 -4.42 11.92
CA ASP A 206 12.04 -4.01 11.96
C ASP A 206 13.02 -5.18 11.99
N GLY A 207 12.52 -6.41 11.90
CA GLY A 207 13.33 -7.60 12.04
C GLY A 207 13.14 -8.31 13.36
N GLN A 208 12.53 -7.65 14.34
CA GLN A 208 12.31 -8.24 15.66
C GLN A 208 10.88 -8.04 16.16
N ASP A 209 10.29 -6.88 15.91
CA ASP A 209 9.00 -6.54 16.48
C ASP A 209 8.15 -5.80 15.47
N GLN A 210 6.83 -5.98 15.56
CA GLN A 210 5.91 -5.12 14.83
C GLN A 210 5.91 -3.73 15.47
N LEU A 211 5.92 -2.71 14.63
CA LEU A 211 6.11 -1.34 15.08
C LEU A 211 4.78 -0.61 15.19
N ASN A 212 4.68 0.24 16.22
CA ASN A 212 3.62 1.24 16.30
C ASN A 212 4.15 2.64 16.03
N SER A 213 5.46 2.82 15.97
CA SER A 213 6.05 4.13 15.72
C SER A 213 5.67 4.62 14.32
N VAL A 214 5.72 5.94 14.17
CA VAL A 214 5.35 6.60 12.93
C VAL A 214 6.32 7.76 12.73
N GLU A 215 6.85 7.90 11.51
CA GLU A 215 7.71 9.03 11.21
C GLU A 215 7.33 9.59 9.85
N ARG A 216 7.83 10.80 9.56
CA ARG A 216 7.47 11.49 8.34
C ARG A 216 8.68 12.23 7.79
N TYR A 217 8.76 12.27 6.46
CA TYR A 217 9.86 12.85 5.72
C TYR A 217 9.39 14.15 5.10
N ASP A 218 10.09 15.24 5.41
CA ASP A 218 9.78 16.54 4.80
C ASP A 218 10.68 16.73 3.59
N VAL A 219 10.06 16.84 2.40
CA VAL A 219 10.83 16.91 1.17
C VAL A 219 11.60 18.22 1.03
N GLU A 220 11.25 19.24 1.82
CA GLU A 220 12.03 20.48 1.80
C GLU A 220 13.28 20.37 2.66
N THR A 221 13.12 19.90 3.89
CA THR A 221 14.23 19.79 4.83
C THR A 221 14.99 18.48 4.72
N GLU A 222 14.42 17.49 4.02
CA GLU A 222 15.09 16.20 3.83
C GLU A 222 15.36 15.50 5.16
N THR A 223 14.48 15.70 6.14
CA THR A 223 14.63 15.10 7.45
C THR A 223 13.43 14.23 7.76
N TRP A 224 13.69 13.19 8.55
CA TRP A 224 12.66 12.32 9.11
C TRP A 224 12.41 12.72 10.56
N THR A 225 11.13 12.75 10.93
CA THR A 225 10.72 13.16 12.26
C THR A 225 9.62 12.24 12.74
N PHE A 226 9.80 11.62 13.91
CA PHE A 226 8.75 10.83 14.53
C PHE A 226 7.57 11.73 14.93
N VAL A 227 6.37 11.16 14.84
CA VAL A 227 5.17 11.80 15.39
C VAL A 227 4.58 10.85 16.42
N ALA A 228 3.35 11.13 16.85
CA ALA A 228 2.71 10.27 17.83
C ALA A 228 2.58 8.85 17.28
N PRO A 229 2.85 7.82 18.08
CA PRO A 229 2.70 6.45 17.60
C PRO A 229 1.25 6.00 17.57
N MET A 230 1.00 4.98 16.77
CA MET A 230 -0.32 4.36 16.73
C MET A 230 -0.61 3.65 18.05
N ARG A 231 -1.90 3.40 18.29
CA ARG A 231 -2.28 2.69 19.50
C ARG A 231 -1.83 1.23 19.46
N HIS A 232 -1.78 0.63 18.26
CA HIS A 232 -1.45 -0.77 18.09
C HIS A 232 -0.20 -0.93 17.25
N HIS A 233 0.77 -1.69 17.76
CA HIS A 233 1.85 -2.18 16.92
C HIS A 233 1.24 -3.00 15.78
N ARG A 234 1.74 -2.81 14.58
CA ARG A 234 1.11 -3.49 13.46
C ARG A 234 1.92 -3.46 12.17
N SER A 235 2.05 -4.60 11.48
CA SER A 235 2.74 -4.72 10.20
C SER A 235 1.76 -5.14 9.11
N ALA A 236 2.17 -4.98 7.85
CA ALA A 236 1.35 -5.37 6.70
C ALA A 236 -0.06 -4.79 6.81
N LEU A 237 -0.12 -3.47 7.03
CA LEU A 237 -1.36 -2.75 7.17
C LEU A 237 -1.75 -2.07 5.85
N GLY A 238 -3.01 -1.72 5.75
CA GLY A 238 -3.45 -0.84 4.70
C GLY A 238 -3.44 0.59 5.20
N ILE A 239 -3.13 1.52 4.31
CA ILE A 239 -3.05 2.92 4.69
C ILE A 239 -3.62 3.77 3.57
N THR A 240 -4.31 4.85 3.95
CA THR A 240 -4.79 5.80 2.97
C THR A 240 -5.03 7.13 3.66
N VAL A 241 -5.40 8.14 2.88
CA VAL A 241 -5.70 9.47 3.40
C VAL A 241 -7.13 9.81 3.03
N HIS A 242 -7.87 10.35 3.98
CA HIS A 242 -9.25 10.78 3.77
C HIS A 242 -9.42 12.06 4.58
N GLN A 243 -9.79 13.14 3.90
CA GLN A 243 -10.03 14.43 4.54
C GLN A 243 -8.87 14.82 5.45
N GLY A 244 -7.69 14.92 4.86
CA GLY A 244 -6.51 15.36 5.57
C GLY A 244 -6.21 14.57 6.83
N LYS A 245 -6.73 13.34 6.92
CA LYS A 245 -6.43 12.47 8.04
C LYS A 245 -5.98 11.12 7.54
N ILE A 246 -5.03 10.51 8.25
CA ILE A 246 -4.49 9.22 7.83
C ILE A 246 -5.32 8.12 8.45
N TYR A 247 -5.68 7.10 7.65
CA TYR A 247 -6.39 5.93 8.14
C TYR A 247 -5.50 4.71 7.93
N VAL A 248 -5.24 3.97 9.01
CA VAL A 248 -4.53 2.71 8.95
C VAL A 248 -5.51 1.59 9.31
N LEU A 249 -5.53 0.55 8.48
CA LEU A 249 -6.52 -0.52 8.54
C LEU A 249 -5.82 -1.87 8.68
N GLY A 250 -6.22 -2.62 9.71
CA GLY A 250 -5.75 -3.96 9.89
C GLY A 250 -4.25 -4.05 10.08
N GLY A 251 -3.74 -5.24 9.80
CA GLY A 251 -2.34 -5.58 10.02
C GLY A 251 -2.20 -6.73 11.00
N TYR A 252 -0.95 -7.03 11.31
CA TYR A 252 -0.60 -8.10 12.24
C TYR A 252 0.25 -7.50 13.35
N ASP A 253 -0.11 -7.78 14.61
CA ASP A 253 0.57 -7.21 15.76
C ASP A 253 1.41 -8.24 16.53
N GLY A 254 1.70 -9.37 15.91
CA GLY A 254 2.46 -10.43 16.55
C GLY A 254 1.62 -11.42 17.33
N HIS A 255 0.30 -11.24 17.37
CA HIS A 255 -0.57 -12.07 18.18
C HIS A 255 -1.94 -12.23 17.53
N THR A 256 -2.37 -11.20 16.79
CA THR A 256 -3.70 -11.16 16.21
C THR A 256 -3.63 -10.48 14.85
N PHE A 257 -4.51 -10.91 13.96
CA PHE A 257 -4.77 -10.18 12.72
C PHE A 257 -5.83 -9.14 13.04
N LEU A 258 -5.43 -7.87 13.02
CA LEU A 258 -6.24 -6.80 13.58
C LEU A 258 -7.40 -6.43 12.66
N ASP A 259 -8.56 -6.20 13.27
CA ASP A 259 -9.67 -5.53 12.60
C ASP A 259 -9.75 -4.06 12.98
N SER A 260 -8.76 -3.57 13.74
CA SER A 260 -8.76 -2.19 14.18
C SER A 260 -8.51 -1.24 13.02
N VAL A 261 -9.20 -0.09 13.04
CA VAL A 261 -8.93 1.00 12.12
C VAL A 261 -8.61 2.23 12.95
N GLU A 262 -7.42 2.79 12.75
CA GLU A 262 -7.01 4.01 13.46
C GLU A 262 -6.97 5.18 12.51
N CYS A 263 -7.17 6.38 13.08
CA CYS A 263 -7.22 7.63 12.32
C CYS A 263 -6.30 8.62 13.00
N TYR A 264 -5.35 9.16 12.24
CA TYR A 264 -4.39 10.15 12.71
C TYR A 264 -4.82 11.54 12.25
N ASP A 265 -5.00 12.43 13.24
CA ASP A 265 -5.27 13.84 13.05
C ASP A 265 -3.95 14.60 13.20
N PRO A 266 -3.41 15.20 12.14
CA PRO A 266 -2.09 15.85 12.26
C PRO A 266 -2.11 17.18 13.01
N ASP A 267 -3.28 17.80 13.17
CA ASP A 267 -3.33 19.07 13.90
C ASP A 267 -3.16 18.85 15.39
N SER A 268 -3.72 17.77 15.92
CA SER A 268 -3.57 17.43 17.33
C SER A 268 -2.48 16.39 17.57
N ASP A 269 -1.92 15.80 16.52
CA ASP A 269 -0.88 14.78 16.66
C ASP A 269 -1.37 13.63 17.53
N THR A 270 -2.58 13.16 17.25
CA THR A 270 -3.20 12.09 18.03
C THR A 270 -3.84 11.08 17.10
N TRP A 271 -3.72 9.80 17.46
CA TRP A 271 -4.44 8.71 16.81
C TRP A 271 -5.67 8.38 17.63
N SER A 272 -6.75 8.01 16.95
N SER A 272 -6.75 8.02 16.93
CA SER A 272 -7.97 7.56 17.61
CA SER A 272 -7.98 7.58 17.58
C SER A 272 -8.58 6.41 16.83
C SER A 272 -8.54 6.38 16.83
N GLU A 273 -9.14 5.44 17.56
CA GLU A 273 -9.83 4.33 16.94
C GLU A 273 -11.18 4.81 16.42
N VAL A 274 -11.46 4.56 15.16
CA VAL A 274 -12.66 5.06 14.51
C VAL A 274 -13.63 3.94 14.11
N THR A 275 -13.16 2.71 13.97
CA THR A 275 -14.05 1.61 13.59
C THR A 275 -13.30 0.28 13.55
N ARG A 276 -14.03 -0.79 13.29
CA ARG A 276 -13.45 -2.12 13.13
C ARG A 276 -13.88 -2.69 11.80
N MET A 277 -12.94 -3.26 11.06
CA MET A 277 -13.29 -4.03 9.88
C MET A 277 -14.11 -5.24 10.28
N THR A 278 -14.89 -5.76 9.33
CA THR A 278 -15.77 -6.88 9.61
C THR A 278 -15.02 -8.11 10.09
N SER A 279 -13.70 -8.17 9.91
CA SER A 279 -12.89 -9.27 10.41
C SER A 279 -11.42 -8.87 10.33
N GLY A 280 -10.61 -9.51 11.17
CA GLY A 280 -9.19 -9.22 11.18
C GLY A 280 -8.50 -9.74 9.93
N ARG A 281 -7.52 -8.98 9.45
CA ARG A 281 -6.80 -9.35 8.23
C ARG A 281 -5.58 -8.46 8.07
N SER A 282 -4.62 -8.95 7.30
CA SER A 282 -3.41 -8.20 6.99
C SER A 282 -3.24 -8.14 5.47
N GLY A 283 -2.28 -7.32 5.05
CA GLY A 283 -1.91 -7.28 3.64
C GLY A 283 -3.03 -6.89 2.69
N VAL A 284 -3.85 -5.92 3.08
CA VAL A 284 -4.94 -5.46 2.22
C VAL A 284 -4.41 -4.40 1.25
N GLY A 285 -5.18 -4.09 0.22
CA GLY A 285 -4.97 -2.91 -0.60
C GLY A 285 -6.05 -1.90 -0.25
N VAL A 286 -5.69 -0.62 -0.25
CA VAL A 286 -6.60 0.42 0.21
C VAL A 286 -6.54 1.62 -0.72
N ALA A 287 -7.71 2.18 -1.01
CA ALA A 287 -7.77 3.43 -1.75
C ALA A 287 -9.06 4.14 -1.39
N VAL A 288 -9.32 5.27 -2.04
CA VAL A 288 -10.48 6.11 -1.74
C VAL A 288 -11.14 6.55 -3.04
N THR A 289 -12.45 6.40 -3.11
CA THR A 289 -13.19 6.89 -4.27
C THR A 289 -14.68 6.93 -3.94
N MET A 290 -15.49 7.34 -4.92
CA MET A 290 -16.88 7.64 -4.67
C MET A 290 -17.65 6.40 -4.21
N GLU A 291 -18.83 6.64 -3.66
CA GLU A 291 -19.72 5.55 -3.27
C GLU A 291 -20.26 4.85 -4.51
N PRO A 292 -20.54 3.54 -4.43
CA PRO A 292 -21.02 2.79 -5.60
C PRO A 292 -22.52 2.94 -5.84
S DMS B . 14.58 1.99 -18.47
O DMS B . 14.40 0.52 -18.59
C1 DMS B . 16.34 2.40 -18.36
C2 DMS B . 14.15 2.79 -20.05
H11 DMS B . 16.75 2.01 -17.46
H12 DMS B . 16.47 3.45 -18.38
H13 DMS B . 16.85 1.97 -19.19
H21 DMS B . 13.11 2.69 -20.22
H22 DMS B . 14.69 2.33 -20.83
H23 DMS B . 14.39 3.82 -19.99
S DMS C . 20.05 -3.26 -8.10
O DMS C . 19.71 -3.22 -9.54
C1 DMS C . 18.59 -3.77 -7.15
C2 DMS C . 21.11 -4.70 -7.75
H11 DMS C . 18.09 -4.55 -7.67
H12 DMS C . 17.94 -2.94 -7.04
H13 DMS C . 18.89 -4.12 -6.20
H21 DMS C . 20.66 -5.57 -8.13
H22 DMS C . 21.22 -4.80 -6.69
H23 DMS C . 22.06 -4.55 -8.19
S DMS D . 10.55 -12.68 4.63
O DMS D . 11.40 -13.16 5.76
C1 DMS D . 8.82 -12.84 5.12
C2 DMS D . 10.65 -10.86 4.58
H11 DMS D . 8.65 -13.80 5.53
H12 DMS D . 8.19 -12.70 4.28
H13 DMS D . 8.58 -12.11 5.86
H21 DMS D . 11.44 -10.57 3.94
H22 DMS D . 10.84 -10.50 5.56
H23 DMS D . 9.74 -10.47 4.23
S DMS E . 5.92 -10.80 10.07
O DMS E . 5.69 -12.14 10.67
C1 DMS E . 5.66 -9.53 11.33
C2 DMS E . 7.68 -10.51 9.83
H11 DMS E . 4.77 -9.75 11.88
H12 DMS E . 5.56 -8.58 10.87
H13 DMS E . 6.48 -9.52 12.00
H21 DMS E . 8.01 -10.99 8.94
H22 DMS E . 8.23 -10.89 10.66
H23 DMS E . 7.87 -9.47 9.75
S SO4 F . 15.92 17.55 -17.52
O1 SO4 F . 16.50 16.37 -18.15
O2 SO4 F . 16.58 17.81 -16.24
O3 SO4 F . 16.11 18.72 -18.39
O4 SO4 F . 14.49 17.33 -17.30
C1 QJ5 G . 2.55 -9.24 3.53
C10 QJ5 G . 5.88 -8.75 6.59
C11 QJ5 G . 5.89 -7.79 7.74
C12 QJ5 G . 4.65 -7.97 6.98
C13 QJ5 G . 3.89 -9.25 3.88
C14 QJ5 G . 1.04 -11.42 5.98
C15 QJ5 G . 1.46 -10.58 7.00
C16 QJ5 G . 1.89 -11.13 8.19
C17 QJ5 G . 1.91 -12.49 8.40
C18 QJ5 G . 2.38 -13.05 9.72
C19 QJ5 G . 1.97 -14.47 10.03
C2 QJ5 G . 1.92 -8.06 3.17
C20 QJ5 G . 2.34 -14.90 11.43
C21 QJ5 G . 1.48 -13.31 7.37
C22 QJ5 G . 1.05 -12.79 6.17
C3 QJ5 G . 2.66 -6.88 3.12
C4 QJ5 G . 4.00 -6.88 3.45
C5 QJ5 G . 4.59 -8.07 3.84
C6 QJ5 G . 8.09 -7.89 3.82
C7 QJ5 G . 7.95 -8.28 5.14
C8 QJ5 G . 8.99 -8.49 6.12
C9 QJ5 G . 6.58 -8.39 5.36
N1 QJ5 G . 1.83 -10.46 3.59
N2 QJ5 G . 5.98 -8.09 4.18
N3 QJ5 G . 6.91 -7.78 3.23
O1 QJ5 G . -0.29 -11.73 3.78
O2 QJ5 G . 8.69 -9.00 7.18
O3 QJ5 G . 10.12 -8.18 5.86
O4 QJ5 G . -0.10 -9.46 4.74
S1 QJ5 G . 0.48 -10.73 4.47
H6 QJ5 G . 5.86 -9.69 6.81
H8 QJ5 G . 6.38 -6.94 7.61
H7 QJ5 G . 5.94 -8.17 8.65
H10 QJ5 G . 4.37 -7.23 6.38
H9 QJ5 G . 3.92 -8.46 7.42
H11 QJ5 G . 4.29 -10.06 4.14
H12 QJ5 G . 1.45 -9.65 6.87
H13 QJ5 G . 2.17 -10.55 8.88
H15 QJ5 G . 3.36 -13.02 9.73
H14 QJ5 G . 2.06 -12.48 10.43
H17 QJ5 G . 1.00 -14.55 9.91
H16 QJ5 G . 2.39 -15.07 9.38
H2 QJ5 G . 1.01 -8.05 2.95
H20 QJ5 G . 1.88 -14.32 12.08
H19 QJ5 G . 3.29 -14.83 11.56
H18 QJ5 G . 2.06 -15.82 11.58
H21 QJ5 G . 1.48 -14.25 7.50
H22 QJ5 G . 0.75 -13.36 5.48
H3 QJ5 G . 2.25 -6.08 2.87
H4 QJ5 G . 4.50 -6.09 3.41
H5 QJ5 G . 8.90 -7.74 3.40
H1 QJ5 G . 2.12 -11.12 3.11
#